data_7Q8A
#
_entry.id   7Q8A
#
_cell.length_a   55.696
_cell.length_b   69.785
_cell.length_c   107.158
_cell.angle_alpha   90.00
_cell.angle_beta   90.00
_cell.angle_gamma   90.00
#
_symmetry.space_group_name_H-M   'P 21 21 21'
#
loop_
_entity.id
_entity.type
_entity.pdbx_description
1 polymer 'Poly(U)-binding-splicing factor PUF60'
2 polymer "DNA (5'-D(P*GP*T)-3')"
3 polymer ssDNA
4 non-polymer 1,2-ETHANEDIOL
5 water water
#
loop_
_entity_poly.entity_id
_entity_poly.type
_entity_poly.pdbx_seq_one_letter_code
_entity_poly.pdbx_strand_id
1 'polypeptide(L)'
;SMLQSMAAQRQRALAIMCRVYVGSIYYELGEDTIRQAFAPFGPIKSIDMSWDSVTMKHKGFAFVEYEVPEAAQLALEQMN
SVMLGGRNIKVGRPSNIGQAQPIIDQLAEEARAFNRIYVASVHQDLSDDDIKSVFEAFGKIKSCTLARDPTTGKHKGYGF
IEYEKAQSSQDAVSSMNLFDLGGQYLRVGKAVTPPMPLL
;
A,B
2 'polydeoxyribonucleotide' (DG)(DT) D
3 'polydeoxyribonucleotide' (DT)(DT) E
#
# COMPACT_ATOMS: atom_id res chain seq x y z
N LEU A 3 14.87 5.03 39.80
CA LEU A 3 14.70 3.95 38.83
C LEU A 3 13.21 3.64 38.61
N GLN A 4 12.45 3.58 39.69
CA GLN A 4 11.00 3.54 39.54
C GLN A 4 10.49 4.81 38.87
N SER A 5 11.11 5.95 39.20
CA SER A 5 10.74 7.21 38.55
C SER A 5 11.11 7.22 37.07
N MET A 6 12.33 6.75 36.73
CA MET A 6 12.73 6.71 35.33
C MET A 6 11.83 5.79 34.53
N ALA A 7 11.54 4.60 35.06
CA ALA A 7 10.63 3.68 34.38
C ALA A 7 9.27 4.32 34.16
N ALA A 8 8.74 5.01 35.18
CA ALA A 8 7.44 5.64 35.05
C ALA A 8 7.43 6.70 33.94
N GLN A 9 8.47 7.54 33.90
CA GLN A 9 8.56 8.52 32.82
C GLN A 9 8.60 7.83 31.46
N ARG A 10 9.38 6.75 31.36
CA ARG A 10 9.42 5.95 30.13
C ARG A 10 8.04 5.39 29.79
N GLN A 11 7.36 4.77 30.77
CA GLN A 11 6.02 4.25 30.53
C GLN A 11 5.09 5.35 30.04
N ARG A 12 5.10 6.51 30.72
CA ARG A 12 4.26 7.62 30.30
C ARG A 12 4.60 8.09 28.89
N ALA A 13 5.88 8.02 28.52
CA ALA A 13 6.24 8.46 27.18
C ALA A 13 5.77 7.46 26.12
N LEU A 14 5.88 6.16 26.40
CA LEU A 14 5.41 5.15 25.46
C LEU A 14 3.91 5.22 25.30
N ALA A 15 3.18 5.55 26.37
CA ALA A 15 1.73 5.67 26.28
C ALA A 15 1.35 6.84 25.37
N ILE A 16 2.04 7.97 25.51
CA ILE A 16 1.82 9.10 24.61
C ILE A 16 2.09 8.70 23.17
N MET A 17 3.12 7.90 22.95
CA MET A 17 3.53 7.55 21.60
C MET A 17 2.55 6.57 20.97
N CYS A 18 1.67 5.96 21.75
CA CYS A 18 0.65 5.06 21.22
C CYS A 18 -0.61 5.78 20.80
N ARG A 19 -0.65 7.10 20.93
CA ARG A 19 -1.89 7.83 20.85
C ARG A 19 -1.82 8.86 19.75
N VAL A 20 -2.89 8.95 18.97
CA VAL A 20 -2.96 9.82 17.80
C VAL A 20 -4.17 10.72 17.97
N TYR A 21 -3.94 12.02 17.83
CA TYR A 21 -5.01 12.99 17.75
C TYR A 21 -5.56 13.02 16.32
N VAL A 22 -6.89 13.02 16.21
CA VAL A 22 -7.59 13.12 14.91
C VAL A 22 -8.58 14.27 15.00
N GLY A 23 -8.46 15.24 14.09
CA GLY A 23 -9.30 16.42 14.11
C GLY A 23 -9.99 16.65 12.77
N SER A 24 -10.79 17.72 12.72
CA SER A 24 -11.63 18.04 11.56
C SER A 24 -12.45 16.84 11.12
N ILE A 25 -13.02 16.12 12.08
CA ILE A 25 -13.95 15.03 11.78
C ILE A 25 -15.29 15.63 11.42
N TYR A 26 -15.79 15.33 10.22
CA TYR A 26 -17.09 15.78 9.80
C TYR A 26 -18.16 15.37 10.82
N TYR A 27 -19.15 16.24 11.01
CA TYR A 27 -20.14 16.00 12.06
C TYR A 27 -20.97 14.74 11.80
N GLU A 28 -21.14 14.33 10.55
CA GLU A 28 -21.93 13.12 10.27
C GLU A 28 -21.17 11.84 10.56
N LEU A 29 -19.85 11.92 10.71
CA LEU A 29 -19.04 10.74 10.95
C LEU A 29 -18.97 10.48 12.45
N GLY A 30 -18.54 9.28 12.78
CA GLY A 30 -18.34 8.95 14.17
C GLY A 30 -17.24 7.94 14.40
N GLU A 31 -17.31 7.34 15.59
CA GLU A 31 -16.39 6.31 16.05
C GLU A 31 -16.14 5.24 14.99
N ASP A 32 -17.21 4.73 14.37
CA ASP A 32 -17.01 3.63 13.43
C ASP A 32 -16.13 4.04 12.26
N THR A 33 -16.43 5.17 11.62
CA THR A 33 -15.59 5.59 10.51
C THR A 33 -14.14 5.74 10.94
N ILE A 34 -13.91 6.30 12.14
CA ILE A 34 -12.53 6.48 12.60
C ILE A 34 -11.86 5.12 12.78
N ARG A 35 -12.57 4.18 13.41
CA ARG A 35 -12.06 2.83 13.60
C ARG A 35 -11.65 2.20 12.27
N GLN A 36 -12.56 2.21 11.29
CA GLN A 36 -12.27 1.57 10.00
C GLN A 36 -11.07 2.23 9.32
N ALA A 37 -10.97 3.55 9.43
CA ALA A 37 -9.92 4.31 8.73
C ALA A 37 -8.56 4.17 9.43
N PHE A 38 -8.56 3.92 10.74
CA PHE A 38 -7.30 3.86 11.48
C PHE A 38 -6.90 2.44 11.87
N ALA A 39 -7.78 1.46 11.69
CA ALA A 39 -7.43 0.08 11.98
C ALA A 39 -6.31 -0.50 11.11
N PRO A 40 -6.09 -0.09 9.85
CA PRO A 40 -5.01 -0.73 9.08
C PRO A 40 -3.63 -0.62 9.72
N PHE A 41 -3.40 0.37 10.57
CA PHE A 41 -2.04 0.57 11.08
C PHE A 41 -1.73 -0.32 12.28
N GLY A 42 -2.71 -1.01 12.84
CA GLY A 42 -2.46 -1.88 13.96
C GLY A 42 -3.70 -2.04 14.81
N PRO A 43 -3.61 -2.84 15.87
CA PRO A 43 -4.79 -3.09 16.71
C PRO A 43 -5.14 -1.84 17.53
N ILE A 44 -6.39 -1.42 17.45
CA ILE A 44 -6.80 -0.21 18.16
C ILE A 44 -7.23 -0.61 19.57
N LYS A 45 -6.51 -0.11 20.57
CA LYS A 45 -6.91 -0.37 21.95
C LYS A 45 -8.20 0.39 22.28
N SER A 46 -8.30 1.65 21.88
CA SER A 46 -9.52 2.41 22.16
C SER A 46 -9.58 3.65 21.29
N ILE A 47 -10.79 4.16 21.15
CA ILE A 47 -11.04 5.44 20.52
C ILE A 47 -11.74 6.31 21.55
N ASP A 48 -11.19 7.50 21.78
CA ASP A 48 -11.74 8.45 22.74
C ASP A 48 -12.36 9.58 21.93
N MET A 49 -13.66 9.51 21.70
CA MET A 49 -14.30 10.60 20.96
C MET A 49 -14.39 11.84 21.84
N SER A 50 -14.11 13.00 21.26
CA SER A 50 -14.55 14.24 21.90
C SER A 50 -16.07 14.19 22.07
N TRP A 51 -16.57 14.87 23.10
CA TRP A 51 -18.00 14.79 23.36
C TRP A 51 -18.46 16.00 24.15
N ASP A 52 -19.43 16.72 23.61
N ASP A 52 -19.43 16.72 23.61
CA ASP A 52 -20.13 17.76 24.33
CA ASP A 52 -20.13 17.76 24.33
C ASP A 52 -21.32 17.10 25.03
C ASP A 52 -21.32 17.10 25.03
N SER A 53 -21.24 16.98 26.35
CA SER A 53 -22.30 16.28 27.08
C SER A 53 -23.55 17.11 27.24
N VAL A 54 -23.54 18.38 26.84
CA VAL A 54 -24.75 19.20 26.85
C VAL A 54 -25.50 19.07 25.52
N THR A 55 -24.82 19.26 24.39
CA THR A 55 -25.48 19.10 23.12
C THR A 55 -25.51 17.65 22.65
N MET A 56 -24.76 16.76 23.29
CA MET A 56 -24.72 15.34 22.93
C MET A 56 -24.26 15.14 21.48
N LYS A 57 -23.11 15.75 21.15
CA LYS A 57 -22.47 15.70 19.84
C LYS A 57 -20.97 15.61 20.05
N HIS A 58 -20.26 14.99 19.11
CA HIS A 58 -18.82 15.08 19.25
C HIS A 58 -18.37 16.48 18.83
N LYS A 59 -17.13 16.79 19.19
CA LYS A 59 -16.55 18.12 19.02
C LYS A 59 -15.62 18.20 17.80
N GLY A 60 -15.71 17.24 16.89
CA GLY A 60 -14.89 17.24 15.69
C GLY A 60 -13.54 16.61 15.84
N PHE A 61 -13.19 16.10 17.02
CA PHE A 61 -11.91 15.46 17.21
C PHE A 61 -12.08 14.21 18.04
N ALA A 62 -11.01 13.42 18.07
CA ALA A 62 -10.95 12.16 18.80
C ALA A 62 -9.49 11.82 19.01
N PHE A 63 -9.25 10.87 19.91
CA PHE A 63 -7.94 10.28 20.11
C PHE A 63 -8.01 8.78 19.85
N VAL A 64 -7.13 8.29 18.99
CA VAL A 64 -7.04 6.87 18.68
C VAL A 64 -5.84 6.31 19.44
N GLU A 65 -6.05 5.24 20.21
CA GLU A 65 -4.99 4.64 21.00
C GLU A 65 -4.66 3.25 20.46
N TYR A 66 -3.41 3.08 20.02
CA TYR A 66 -2.92 1.81 19.52
C TYR A 66 -2.23 1.04 20.63
N GLU A 67 -2.11 -0.27 20.45
CA GLU A 67 -1.39 -1.08 21.42
C GLU A 67 0.12 -1.05 21.23
N VAL A 68 0.62 -0.56 20.10
CA VAL A 68 2.06 -0.47 19.87
CA VAL A 68 2.05 -0.50 19.80
C VAL A 68 2.37 0.88 19.26
N PRO A 69 3.51 1.50 19.62
CA PRO A 69 3.76 2.88 19.18
C PRO A 69 4.02 3.03 17.69
N GLU A 70 4.63 2.04 17.04
CA GLU A 70 4.89 2.15 15.60
C GLU A 70 3.59 2.28 14.81
N ALA A 71 2.51 1.65 15.28
CA ALA A 71 1.20 1.82 14.64
C ALA A 71 0.79 3.29 14.63
N ALA A 72 0.83 3.93 15.81
CA ALA A 72 0.53 5.37 15.89
C ALA A 72 1.46 6.18 15.01
N GLN A 73 2.73 5.79 14.96
CA GLN A 73 3.67 6.46 14.06
C GLN A 73 3.20 6.38 12.61
N LEU A 74 2.87 5.18 12.15
CA LEU A 74 2.39 5.02 10.78
C LEU A 74 1.14 5.85 10.54
N ALA A 75 0.16 5.77 11.44
CA ALA A 75 -1.04 6.58 11.31
C ALA A 75 -0.69 8.06 11.20
N LEU A 76 0.22 8.53 12.06
CA LEU A 76 0.63 9.92 12.00
C LEU A 76 1.20 10.27 10.65
N GLU A 77 2.03 9.38 10.08
CA GLU A 77 2.71 9.68 8.83
C GLU A 77 1.81 9.52 7.61
N GLN A 78 0.76 8.70 7.70
CA GLN A 78 0.01 8.36 6.49
C GLN A 78 -1.42 8.86 6.45
N MET A 79 -1.94 9.45 7.53
CA MET A 79 -3.35 9.82 7.60
C MET A 79 -3.62 11.32 7.54
N ASN A 80 -2.62 12.17 7.40
CA ASN A 80 -2.95 13.58 7.24
C ASN A 80 -3.50 13.84 5.84
N SER A 81 -4.39 14.82 5.74
CA SER A 81 -5.04 15.15 4.48
C SER A 81 -5.73 13.94 3.84
N VAL A 82 -6.16 13.00 4.66
CA VAL A 82 -7.06 11.95 4.21
C VAL A 82 -8.48 12.50 4.33
N MET A 83 -9.29 12.28 3.30
CA MET A 83 -10.64 12.83 3.24
C MET A 83 -11.63 11.79 3.75
N LEU A 84 -12.35 12.12 4.82
CA LEU A 84 -13.41 11.27 5.35
C LEU A 84 -14.71 12.06 5.35
N GLY A 85 -15.74 11.47 4.78
CA GLY A 85 -17.04 12.15 4.71
C GLY A 85 -16.96 13.51 4.05
N GLY A 86 -16.09 13.64 3.05
CA GLY A 86 -15.99 14.88 2.30
C GLY A 86 -15.11 15.93 2.93
N ARG A 87 -14.38 15.60 3.99
CA ARG A 87 -13.58 16.61 4.68
C ARG A 87 -12.22 16.05 5.08
N ASN A 88 -11.16 16.81 4.78
CA ASN A 88 -9.79 16.43 5.13
C ASN A 88 -9.62 16.38 6.63
N ILE A 89 -9.29 15.21 7.18
CA ILE A 89 -8.99 15.14 8.61
C ILE A 89 -7.57 15.64 8.86
N LYS A 90 -7.32 16.01 10.12
CA LYS A 90 -6.00 16.40 10.59
C LYS A 90 -5.56 15.41 11.66
N VAL A 91 -4.27 15.07 11.64
CA VAL A 91 -3.73 14.08 12.55
C VAL A 91 -2.46 14.66 13.18
N GLY A 92 -2.29 14.41 14.48
CA GLY A 92 -1.10 14.87 15.17
C GLY A 92 -0.85 14.06 16.43
N ARG A 93 0.29 14.31 17.06
CA ARG A 93 0.57 13.75 18.37
C ARG A 93 -0.24 14.50 19.41
N PRO A 94 -0.53 13.88 20.54
CA PRO A 94 -1.17 14.61 21.65
C PRO A 94 -0.46 15.91 21.98
N SER A 95 -1.19 16.85 22.57
CA SER A 95 -0.78 18.26 22.66
C SER A 95 0.11 18.58 23.86
N ASN A 96 -0.10 17.94 25.00
CA ASN A 96 0.69 18.27 26.19
C ASN A 96 1.74 17.19 26.38
N ILE A 97 2.87 17.33 25.66
CA ILE A 97 3.90 16.29 25.67
C ILE A 97 5.30 16.84 25.87
N GLY A 98 5.40 18.08 26.36
CA GLY A 98 6.72 18.65 26.62
C GLY A 98 7.59 17.78 27.52
N GLN A 99 6.98 17.20 28.56
CA GLN A 99 7.75 16.35 29.48
C GLN A 99 8.30 15.11 28.76
N ALA A 100 7.54 14.55 27.82
CA ALA A 100 7.87 13.26 27.23
C ALA A 100 8.74 13.34 25.99
N GLN A 101 8.82 14.50 25.33
CA GLN A 101 9.48 14.55 24.04
C GLN A 101 10.94 14.10 24.07
N PRO A 102 11.75 14.40 25.10
CA PRO A 102 13.10 13.81 25.13
C PRO A 102 13.10 12.30 25.01
N ILE A 103 12.23 11.61 25.77
CA ILE A 103 12.20 10.16 25.73
C ILE A 103 11.74 9.67 24.36
N ILE A 104 10.73 10.34 23.78
CA ILE A 104 10.27 9.98 22.45
C ILE A 104 11.43 10.00 21.46
N ASP A 105 12.19 11.11 21.45
CA ASP A 105 13.34 11.23 20.56
C ASP A 105 14.43 10.23 20.92
N GLN A 106 14.68 10.02 22.22
CA GLN A 106 15.65 9.02 22.64
C GLN A 106 15.27 7.64 22.12
N LEU A 107 13.99 7.28 22.23
CA LEU A 107 13.59 5.93 21.85
C LEU A 107 13.75 5.73 20.35
N ALA A 108 13.50 6.79 19.57
CA ALA A 108 13.65 6.67 18.12
C ALA A 108 15.12 6.56 17.71
N GLU A 109 16.01 7.32 18.37
CA GLU A 109 17.44 7.18 18.09
C GLU A 109 17.94 5.80 18.47
N GLU A 110 17.47 5.29 19.62
CA GLU A 110 17.87 3.97 20.07
C GLU A 110 17.31 2.85 19.18
N ALA A 111 16.24 3.10 18.41
CA ALA A 111 15.67 2.05 17.57
C ALA A 111 16.59 1.69 16.43
N ARG A 112 17.36 2.66 15.95
CA ARG A 112 18.08 2.55 14.68
C ARG A 112 18.99 1.32 14.63
N ALA A 113 19.72 1.02 15.71
CA ALA A 113 20.73 -0.03 15.62
C ALA A 113 20.14 -1.39 15.33
N PHE A 114 18.85 -1.58 15.57
CA PHE A 114 18.25 -2.91 15.51
C PHE A 114 17.76 -3.28 14.11
N ASN A 115 17.84 -2.37 13.13
CA ASN A 115 17.40 -2.66 11.76
C ASN A 115 15.99 -3.25 11.76
N ARG A 116 15.11 -2.65 12.54
CA ARG A 116 13.85 -3.26 12.96
C ARG A 116 12.72 -2.55 12.23
N ILE A 117 11.80 -3.33 11.66
CA ILE A 117 10.66 -2.74 10.95
C ILE A 117 9.37 -3.36 11.46
N TYR A 118 8.29 -2.60 11.34
CA TYR A 118 6.96 -2.98 11.83
C TYR A 118 6.04 -3.20 10.63
N VAL A 119 5.27 -4.27 10.68
CA VAL A 119 4.40 -4.68 9.58
C VAL A 119 3.00 -4.87 10.12
N ALA A 120 2.03 -4.13 9.57
CA ALA A 120 0.63 -4.27 9.98
C ALA A 120 -0.25 -4.59 8.77
N SER A 121 -1.53 -4.82 9.06
CA SER A 121 -2.51 -5.28 8.07
C SER A 121 -2.08 -6.62 7.45
N VAL A 122 -1.53 -7.48 8.28
CA VAL A 122 -1.17 -8.83 7.85
C VAL A 122 -2.41 -9.71 7.92
N HIS A 123 -2.84 -10.23 6.79
CA HIS A 123 -4.07 -11.01 6.75
C HIS A 123 -3.92 -12.28 7.59
N GLN A 124 -5.04 -12.74 8.15
CA GLN A 124 -5.02 -13.90 9.04
C GLN A 124 -4.58 -15.16 8.32
N ASP A 125 -4.84 -15.26 7.00
CA ASP A 125 -4.39 -16.41 6.22
C ASP A 125 -2.87 -16.54 6.16
N LEU A 126 -2.13 -15.45 6.39
CA LEU A 126 -0.68 -15.46 6.24
C LEU A 126 0.00 -15.87 7.54
N SER A 127 1.12 -16.58 7.40
CA SER A 127 1.91 -17.03 8.53
C SER A 127 3.17 -16.17 8.66
N ASP A 128 3.89 -16.37 9.76
CA ASP A 128 5.17 -15.69 9.94
C ASP A 128 6.12 -16.02 8.79
N ASP A 129 6.10 -17.28 8.33
CA ASP A 129 7.01 -17.70 7.28
C ASP A 129 6.60 -17.16 5.91
N ASP A 130 5.30 -17.03 5.66
CA ASP A 130 4.85 -16.30 4.48
C ASP A 130 5.46 -14.91 4.46
N ILE A 131 5.36 -14.18 5.58
CA ILE A 131 5.86 -12.82 5.62
C ILE A 131 7.37 -12.81 5.46
N LYS A 132 8.08 -13.63 6.25
CA LYS A 132 9.54 -13.71 6.16
C LYS A 132 9.99 -13.94 4.72
N SER A 133 9.34 -14.89 4.03
CA SER A 133 9.77 -15.21 2.67
C SER A 133 9.60 -14.03 1.73
N VAL A 134 8.52 -13.27 1.87
CA VAL A 134 8.34 -12.09 1.04
C VAL A 134 9.37 -11.02 1.39
N PHE A 135 9.61 -10.82 2.68
CA PHE A 135 10.43 -9.69 3.11
C PHE A 135 11.92 -9.98 3.02
N GLU A 136 12.32 -11.26 3.02
CA GLU A 136 13.73 -11.58 2.90
C GLU A 136 14.28 -11.32 1.51
N ALA A 137 13.45 -10.85 0.59
CA ALA A 137 13.95 -10.36 -0.69
C ALA A 137 14.93 -9.22 -0.47
N PHE A 138 14.76 -8.45 0.59
CA PHE A 138 15.48 -7.19 0.75
C PHE A 138 16.82 -7.36 1.46
N GLY A 139 17.08 -8.52 2.05
CA GLY A 139 18.28 -8.76 2.81
C GLY A 139 18.03 -9.92 3.76
N LYS A 140 19.09 -10.32 4.46
CA LYS A 140 18.95 -11.44 5.38
C LYS A 140 18.28 -10.98 6.66
N ILE A 141 17.33 -11.79 7.14
CA ILE A 141 16.43 -11.42 8.22
C ILE A 141 16.88 -12.17 9.46
N LYS A 142 17.18 -11.43 10.53
CA LYS A 142 17.56 -12.10 11.77
C LYS A 142 16.35 -12.69 12.48
N SER A 143 15.18 -12.03 12.38
CA SER A 143 13.97 -12.60 12.97
C SER A 143 12.74 -12.00 12.31
N CYS A 144 11.62 -12.70 12.48
CA CYS A 144 10.35 -12.33 11.86
C CYS A 144 9.25 -12.92 12.73
N THR A 145 8.61 -12.08 13.54
CA THR A 145 7.67 -12.53 14.54
C THR A 145 6.37 -11.74 14.43
N LEU A 146 5.28 -12.43 14.17
CA LEU A 146 3.95 -11.85 14.20
C LEU A 146 3.44 -11.89 15.64
N ALA A 147 2.95 -10.76 16.13
CA ALA A 147 2.35 -10.74 17.45
C ALA A 147 1.14 -11.67 17.47
N ARG A 148 1.02 -12.45 18.53
CA ARG A 148 -0.06 -13.42 18.64
C ARG A 148 -0.87 -13.17 19.90
N ASP A 149 -2.18 -13.33 19.80
CA ASP A 149 -3.03 -13.25 20.98
C ASP A 149 -2.84 -14.52 21.80
N PRO A 150 -2.31 -14.45 23.02
CA PRO A 150 -2.01 -15.70 23.75
C PRO A 150 -3.25 -16.53 24.02
N THR A 151 -4.38 -15.88 24.30
CA THR A 151 -5.60 -16.59 24.61
C THR A 151 -6.15 -17.37 23.42
N THR A 152 -5.80 -16.98 22.19
CA THR A 152 -6.38 -17.61 21.01
C THR A 152 -5.37 -18.29 20.11
N GLY A 153 -4.07 -17.95 20.19
CA GLY A 153 -3.07 -18.50 19.32
C GLY A 153 -2.99 -17.87 17.94
N LYS A 154 -4.05 -17.22 17.48
CA LYS A 154 -4.01 -16.55 16.18
C LYS A 154 -3.15 -15.28 16.28
N HIS A 155 -2.58 -14.88 15.14
CA HIS A 155 -1.79 -13.66 15.19
C HIS A 155 -2.71 -12.43 15.12
N LYS A 156 -2.14 -11.29 15.53
CA LYS A 156 -2.89 -10.05 15.67
C LYS A 156 -2.81 -9.13 14.45
N GLY A 157 -2.39 -9.65 13.29
CA GLY A 157 -2.30 -8.85 12.09
C GLY A 157 -1.10 -7.94 11.99
N TYR A 158 -0.17 -8.03 12.93
CA TYR A 158 1.03 -7.21 12.86
C TYR A 158 2.20 -7.98 13.47
N GLY A 159 3.41 -7.48 13.22
CA GLY A 159 4.60 -8.12 13.74
C GLY A 159 5.80 -7.25 13.47
N PHE A 160 6.97 -7.75 13.87
CA PHE A 160 8.22 -7.03 13.64
C PHE A 160 9.22 -7.92 12.92
N ILE A 161 10.03 -7.29 12.07
CA ILE A 161 11.10 -7.93 11.33
C ILE A 161 12.40 -7.22 11.66
N GLU A 162 13.44 -8.00 11.98
CA GLU A 162 14.79 -7.49 12.19
C GLU A 162 15.71 -8.02 11.10
N TYR A 163 16.33 -7.11 10.36
CA TYR A 163 17.29 -7.42 9.32
C TYR A 163 18.72 -7.37 9.85
N GLU A 164 19.61 -8.11 9.19
CA GLU A 164 21.03 -8.03 9.55
C GLU A 164 21.64 -6.69 9.14
N LYS A 165 21.19 -6.11 8.03
CA LYS A 165 21.77 -4.89 7.50
C LYS A 165 20.77 -3.75 7.53
N ALA A 166 21.24 -2.55 7.91
CA ALA A 166 20.36 -1.38 7.96
C ALA A 166 19.84 -1.02 6.58
N GLN A 167 20.66 -1.21 5.55
CA GLN A 167 20.20 -0.96 4.18
C GLN A 167 18.96 -1.80 3.87
N SER A 168 18.93 -3.05 4.34
CA SER A 168 17.82 -3.95 4.05
C SER A 168 16.53 -3.43 4.67
N SER A 169 16.57 -3.03 5.95
CA SER A 169 15.37 -2.55 6.61
C SER A 169 14.89 -1.25 5.97
N GLN A 170 15.82 -0.39 5.54
CA GLN A 170 15.41 0.82 4.85
C GLN A 170 14.75 0.50 3.51
N ASP A 171 15.29 -0.47 2.77
CA ASP A 171 14.69 -0.83 1.49
C ASP A 171 13.29 -1.41 1.69
N ALA A 172 13.16 -2.37 2.60
CA ALA A 172 11.85 -2.95 2.88
C ALA A 172 10.81 -1.88 3.21
N VAL A 173 11.16 -0.90 4.05
CA VAL A 173 10.19 0.12 4.44
C VAL A 173 9.76 0.95 3.23
N SER A 174 10.73 1.39 2.42
CA SER A 174 10.40 2.24 1.28
C SER A 174 9.50 1.49 0.28
N SER A 175 9.74 0.19 0.12
CA SER A 175 9.09 -0.55 -0.93
C SER A 175 7.78 -1.21 -0.48
N MET A 176 7.70 -1.72 0.75
CA MET A 176 6.60 -2.59 1.15
C MET A 176 5.44 -1.90 1.87
N ASN A 177 5.49 -0.60 2.11
CA ASN A 177 4.27 0.04 2.58
C ASN A 177 3.24 0.04 1.46
N LEU A 178 2.06 -0.52 1.76
CA LEU A 178 0.99 -0.77 0.78
C LEU A 178 1.38 -1.83 -0.27
N PHE A 179 2.25 -2.75 0.07
CA PHE A 179 2.42 -3.94 -0.75
C PHE A 179 1.19 -4.84 -0.60
N ASP A 180 0.69 -5.35 -1.72
CA ASP A 180 -0.50 -6.19 -1.74
C ASP A 180 -0.11 -7.63 -1.39
N LEU A 181 -0.59 -8.11 -0.27
CA LEU A 181 -0.24 -9.47 0.11
C LEU A 181 -1.43 -10.06 0.83
N GLY A 182 -1.86 -11.24 0.39
CA GLY A 182 -3.05 -11.80 1.01
C GLY A 182 -4.30 -11.01 0.75
N GLY A 183 -4.31 -10.20 -0.31
CA GLY A 183 -5.47 -9.40 -0.63
C GLY A 183 -5.70 -8.20 0.26
N GLN A 184 -4.71 -7.80 1.04
CA GLN A 184 -4.76 -6.58 1.84
C GLN A 184 -3.49 -5.80 1.59
N TYR A 185 -3.57 -4.50 1.85
CA TYR A 185 -2.42 -3.63 1.70
C TYR A 185 -1.68 -3.60 3.05
N LEU A 186 -0.50 -4.20 3.08
CA LEU A 186 0.38 -4.10 4.24
C LEU A 186 0.66 -2.65 4.56
N ARG A 187 0.80 -2.34 5.84
CA ARG A 187 1.35 -1.06 6.27
C ARG A 187 2.69 -1.35 6.94
N VAL A 188 3.71 -0.59 6.57
CA VAL A 188 5.08 -0.92 6.96
C VAL A 188 5.79 0.37 7.38
N GLY A 189 6.57 0.28 8.45
CA GLY A 189 7.36 1.42 8.86
C GLY A 189 8.48 1.01 9.79
N LYS A 190 9.34 1.97 10.10
CA LYS A 190 10.47 1.69 10.98
C LYS A 190 10.01 1.50 12.42
N ALA A 191 10.78 0.72 13.16
CA ALA A 191 10.62 0.73 14.61
C ALA A 191 10.90 2.12 15.15
N VAL A 192 10.17 2.48 16.21
CA VAL A 192 10.35 3.76 16.87
C VAL A 192 10.82 3.58 18.31
N THR A 193 11.09 2.36 18.72
CA THR A 193 11.73 2.01 19.97
C THR A 193 12.66 0.84 19.71
N PRO A 194 13.64 0.61 20.57
CA PRO A 194 14.29 -0.70 20.63
C PRO A 194 13.30 -1.75 21.09
N PRO A 195 13.59 -3.03 20.87
CA PRO A 195 12.63 -4.08 21.27
C PRO A 195 12.49 -4.16 22.78
N MET A 196 11.29 -4.54 23.23
CA MET A 196 11.04 -4.73 24.67
C MET A 196 10.23 -5.98 24.99
N MET B 2 -26.33 8.77 -4.52
CA MET B 2 -24.96 8.59 -4.02
C MET B 2 -24.09 7.79 -5.00
N LEU B 3 -24.73 7.10 -5.95
CA LEU B 3 -23.98 6.26 -6.88
C LEU B 3 -22.92 7.06 -7.62
N GLN B 4 -23.33 8.18 -8.24
CA GLN B 4 -22.37 8.95 -9.02
C GLN B 4 -21.35 9.65 -8.12
N SER B 5 -21.76 10.01 -6.90
CA SER B 5 -20.83 10.67 -5.97
C SER B 5 -19.73 9.71 -5.55
N MET B 6 -20.08 8.49 -5.14
CA MET B 6 -19.08 7.49 -4.84
C MET B 6 -18.23 7.18 -6.07
N ALA B 7 -18.83 7.22 -7.25
CA ALA B 7 -18.06 7.00 -8.47
C ALA B 7 -16.97 8.05 -8.64
N ALA B 8 -17.30 9.33 -8.40
CA ALA B 8 -16.30 10.39 -8.46
C ALA B 8 -15.23 10.22 -7.38
N GLN B 9 -15.65 9.88 -6.16
CA GLN B 9 -14.66 9.64 -5.10
C GLN B 9 -13.73 8.51 -5.49
N ARG B 10 -14.29 7.45 -6.06
CA ARG B 10 -13.51 6.30 -6.49
C ARG B 10 -12.57 6.65 -7.63
N GLN B 11 -13.04 7.45 -8.59
CA GLN B 11 -12.16 7.83 -9.70
C GLN B 11 -10.97 8.64 -9.20
N ARG B 12 -11.17 9.48 -8.19
CA ARG B 12 -10.05 10.28 -7.72
C ARG B 12 -9.02 9.40 -7.02
N ALA B 13 -9.47 8.46 -6.22
CA ALA B 13 -8.54 7.54 -5.57
C ALA B 13 -7.77 6.73 -6.59
N LEU B 14 -8.46 6.24 -7.63
CA LEU B 14 -7.83 5.43 -8.65
C LEU B 14 -6.76 6.23 -9.40
N ALA B 15 -7.04 7.50 -9.69
CA ALA B 15 -6.03 8.34 -10.34
C ALA B 15 -4.75 8.41 -9.52
N ILE B 16 -4.88 8.51 -8.20
CA ILE B 16 -3.70 8.50 -7.33
C ILE B 16 -3.03 7.12 -7.36
N MET B 17 -3.83 6.06 -7.35
CA MET B 17 -3.34 4.70 -7.29
C MET B 17 -2.65 4.28 -8.58
N CYS B 18 -2.97 4.93 -9.70
CA CYS B 18 -2.41 4.57 -11.00
C CYS B 18 -1.01 5.11 -11.25
N ARG B 19 -0.42 5.82 -10.31
CA ARG B 19 0.80 6.59 -10.53
C ARG B 19 1.94 5.92 -9.77
N VAL B 20 3.11 5.79 -10.40
CA VAL B 20 4.26 5.31 -9.65
C VAL B 20 5.40 6.32 -9.75
N TYR B 21 6.19 6.35 -8.69
CA TYR B 21 7.41 7.11 -8.60
C TYR B 21 8.57 6.23 -9.05
N VAL B 22 9.43 6.78 -9.89
CA VAL B 22 10.63 6.09 -10.38
C VAL B 22 11.83 6.95 -10.01
N GLY B 23 12.75 6.40 -9.23
CA GLY B 23 13.93 7.13 -8.80
C GLY B 23 15.21 6.40 -9.17
N SER B 24 16.33 7.10 -8.97
CA SER B 24 17.66 6.59 -9.33
C SER B 24 17.71 6.28 -10.82
N ILE B 25 17.12 7.16 -11.62
CA ILE B 25 17.16 7.03 -13.07
C ILE B 25 18.52 7.52 -13.55
N TYR B 26 19.32 6.62 -14.14
CA TYR B 26 20.64 6.96 -14.64
C TYR B 26 20.56 8.09 -15.68
N TYR B 27 21.56 8.98 -15.67
CA TYR B 27 21.51 10.16 -16.53
C TYR B 27 21.41 9.79 -18.00
N GLU B 28 21.92 8.62 -18.40
CA GLU B 28 21.81 8.24 -19.82
C GLU B 28 20.36 8.05 -20.26
N LEU B 29 19.45 7.79 -19.31
CA LEU B 29 18.08 7.45 -19.66
C LEU B 29 17.31 8.72 -19.95
N GLY B 30 16.32 8.60 -20.84
CA GLY B 30 15.36 9.66 -21.05
C GLY B 30 13.94 9.11 -20.99
N GLU B 31 12.99 10.02 -21.22
CA GLU B 31 11.57 9.65 -21.24
C GLU B 31 11.28 8.47 -22.15
N ASP B 32 11.90 8.39 -23.33
CA ASP B 32 11.55 7.29 -24.23
C ASP B 32 11.99 5.95 -23.68
N THR B 33 13.16 5.91 -23.04
CA THR B 33 13.57 4.64 -22.45
C THR B 33 12.69 4.29 -21.26
N ILE B 34 12.31 5.30 -20.46
CA ILE B 34 11.39 5.04 -19.36
C ILE B 34 10.08 4.50 -19.88
N ARG B 35 9.56 5.11 -20.96
CA ARG B 35 8.32 4.63 -21.59
C ARG B 35 8.41 3.15 -21.94
N GLN B 36 9.51 2.74 -22.56
CA GLN B 36 9.58 1.36 -23.02
C GLN B 36 9.78 0.39 -21.85
N ALA B 37 10.53 0.82 -20.84
CA ALA B 37 10.74 -0.02 -19.67
C ALA B 37 9.45 -0.30 -18.93
N PHE B 38 8.54 0.68 -18.88
CA PHE B 38 7.33 0.57 -18.06
C PHE B 38 6.07 0.29 -18.86
N ALA B 39 6.12 0.44 -20.18
CA ALA B 39 4.97 0.07 -21.01
C ALA B 39 4.52 -1.39 -20.89
N PRO B 40 5.37 -2.39 -20.62
CA PRO B 40 4.84 -3.77 -20.57
C PRO B 40 3.72 -3.99 -19.55
N PHE B 41 3.64 -3.17 -18.51
CA PHE B 41 2.71 -3.44 -17.42
C PHE B 41 1.34 -2.83 -17.65
N GLY B 42 1.18 -2.05 -18.71
CA GLY B 42 -0.08 -1.44 -19.06
C GLY B 42 0.18 -0.22 -19.93
N PRO B 43 -0.79 0.18 -20.75
CA PRO B 43 -0.61 1.38 -21.57
C PRO B 43 -0.41 2.59 -20.68
N ILE B 44 0.59 3.40 -21.01
CA ILE B 44 1.00 4.49 -20.13
C ILE B 44 0.22 5.74 -20.52
N LYS B 45 -0.42 6.36 -19.52
CA LYS B 45 -1.23 7.55 -19.78
C LYS B 45 -0.35 8.79 -19.87
N SER B 46 0.69 8.86 -19.05
CA SER B 46 1.57 10.02 -19.10
C SER B 46 2.82 9.70 -18.32
N ILE B 47 3.90 10.38 -18.69
CA ILE B 47 5.16 10.34 -17.99
C ILE B 47 5.54 11.77 -17.67
N ASP B 48 5.84 12.05 -16.41
CA ASP B 48 6.33 13.34 -16.01
C ASP B 48 7.78 13.18 -15.62
N MET B 49 8.69 13.46 -16.57
CA MET B 49 10.10 13.48 -16.25
C MET B 49 10.40 14.69 -15.37
N SER B 50 11.23 14.48 -14.35
CA SER B 50 11.79 15.64 -13.65
C SER B 50 12.69 16.40 -14.62
N TRP B 51 13.03 17.63 -14.25
CA TRP B 51 13.69 18.51 -15.22
C TRP B 51 14.34 19.69 -14.50
N ASP B 52 15.65 19.79 -14.59
CA ASP B 52 16.40 20.93 -14.10
C ASP B 52 16.51 21.95 -15.23
N SER B 53 15.94 23.14 -15.03
CA SER B 53 15.93 24.15 -16.08
C SER B 53 17.32 24.74 -16.31
N VAL B 54 18.19 24.70 -15.30
CA VAL B 54 19.57 25.15 -15.46
C VAL B 54 20.27 24.21 -16.42
N THR B 55 20.53 22.97 -15.99
CA THR B 55 21.31 22.04 -16.80
C THR B 55 20.53 21.47 -17.99
N MET B 56 19.23 21.73 -18.08
CA MET B 56 18.36 21.17 -19.12
C MET B 56 18.53 19.65 -19.23
N LYS B 57 18.51 18.98 -18.08
CA LYS B 57 18.54 17.53 -17.98
C LYS B 57 17.56 17.11 -16.91
N HIS B 58 17.25 15.81 -16.85
CA HIS B 58 16.35 15.34 -15.80
C HIS B 58 17.12 15.15 -14.49
N LYS B 59 16.36 15.05 -13.40
CA LYS B 59 16.93 15.07 -12.06
C LYS B 59 16.96 13.70 -11.39
N GLY B 60 16.92 12.62 -12.18
CA GLY B 60 17.03 11.28 -11.64
C GLY B 60 15.72 10.62 -11.21
N PHE B 61 14.59 11.29 -11.33
CA PHE B 61 13.33 10.70 -10.95
C PHE B 61 12.24 11.10 -11.93
N ALA B 62 11.11 10.40 -11.87
CA ALA B 62 9.99 10.65 -12.78
C ALA B 62 8.73 10.04 -12.18
N PHE B 63 7.58 10.37 -12.77
CA PHE B 63 6.31 9.73 -12.45
C PHE B 63 5.73 9.09 -13.71
N VAL B 64 5.23 7.86 -13.55
CA VAL B 64 4.59 7.10 -14.62
C VAL B 64 3.13 6.87 -14.23
N GLU B 65 2.22 7.25 -15.11
CA GLU B 65 0.79 7.17 -14.84
C GLU B 65 0.17 6.12 -15.75
N TYR B 66 -0.41 5.08 -15.15
CA TYR B 66 -1.10 4.03 -15.89
C TYR B 66 -2.61 4.33 -15.93
N GLU B 67 -3.37 3.45 -16.61
CA GLU B 67 -4.83 3.60 -16.71
C GLU B 67 -5.58 2.86 -15.62
N VAL B 68 -5.00 1.79 -15.08
CA VAL B 68 -5.63 1.05 -14.00
C VAL B 68 -4.60 0.76 -12.93
N PRO B 69 -5.04 0.64 -11.68
CA PRO B 69 -4.07 0.52 -10.58
C PRO B 69 -3.30 -0.77 -10.60
N GLU B 70 -3.86 -1.83 -11.20
CA GLU B 70 -3.16 -3.09 -11.29
C GLU B 70 -1.84 -2.94 -12.06
N ALA B 71 -1.82 -2.06 -13.07
CA ALA B 71 -0.58 -1.83 -13.80
C ALA B 71 0.47 -1.20 -12.89
N ALA B 72 0.09 -0.19 -12.09
CA ALA B 72 1.03 0.42 -11.17
C ALA B 72 1.57 -0.61 -10.20
N GLN B 73 0.68 -1.45 -9.66
CA GLN B 73 1.10 -2.47 -8.70
C GLN B 73 2.11 -3.41 -9.32
N LEU B 74 1.82 -3.87 -10.54
CA LEU B 74 2.72 -4.79 -11.22
C LEU B 74 4.08 -4.15 -11.46
N ALA B 75 4.08 -2.89 -11.89
CA ALA B 75 5.35 -2.15 -12.05
C ALA B 75 6.11 -2.08 -10.74
N LEU B 76 5.43 -1.71 -9.64
CA LEU B 76 6.06 -1.68 -8.32
C LEU B 76 6.71 -3.02 -8.00
N GLU B 77 5.98 -4.10 -8.25
CA GLU B 77 6.46 -5.44 -7.91
C GLU B 77 7.59 -5.88 -8.83
N GLN B 78 7.50 -5.57 -10.12
CA GLN B 78 8.42 -6.19 -11.06
C GLN B 78 9.57 -5.27 -11.46
N MET B 79 9.46 -3.97 -11.25
CA MET B 79 10.50 -3.06 -11.68
C MET B 79 11.34 -2.45 -10.56
N ASN B 80 10.84 -2.44 -9.32
CA ASN B 80 11.66 -1.94 -8.22
C ASN B 80 12.99 -2.69 -8.17
N SER B 81 14.07 -1.91 -8.12
CA SER B 81 15.46 -2.38 -8.11
C SER B 81 15.89 -3.09 -9.39
N VAL B 82 15.11 -3.00 -10.48
CA VAL B 82 15.61 -3.47 -11.77
C VAL B 82 16.72 -2.56 -12.25
N MET B 83 17.77 -3.13 -12.84
CA MET B 83 18.85 -2.29 -13.35
C MET B 83 18.44 -1.70 -14.70
N LEU B 84 18.40 -0.37 -14.78
CA LEU B 84 18.17 0.34 -16.03
C LEU B 84 19.42 1.16 -16.35
N GLY B 85 20.00 0.93 -17.52
CA GLY B 85 21.24 1.59 -17.89
C GLY B 85 22.32 1.50 -16.83
N GLY B 86 22.60 0.30 -16.33
CA GLY B 86 23.68 0.14 -15.37
C GLY B 86 23.43 0.68 -13.98
N ARG B 87 22.20 1.03 -13.63
CA ARG B 87 21.90 1.56 -12.30
C ARG B 87 20.52 1.07 -11.89
N ASN B 88 20.42 0.52 -10.67
CA ASN B 88 19.18 -0.04 -10.15
C ASN B 88 18.19 1.06 -9.81
N ILE B 89 16.99 1.01 -10.39
CA ILE B 89 16.03 2.07 -10.13
C ILE B 89 15.26 1.76 -8.84
N LYS B 90 14.65 2.81 -8.29
CA LYS B 90 13.65 2.66 -7.24
C LYS B 90 12.29 2.88 -7.89
N VAL B 91 11.36 1.95 -7.64
CA VAL B 91 9.97 2.16 -8.00
C VAL B 91 9.17 2.10 -6.71
N GLY B 92 8.36 3.12 -6.46
CA GLY B 92 7.66 3.24 -5.21
C GLY B 92 6.39 4.03 -5.41
N ARG B 93 5.64 4.19 -4.33
CA ARG B 93 4.40 4.91 -4.40
C ARG B 93 4.69 6.41 -4.51
N PRO B 94 3.81 7.15 -5.17
CA PRO B 94 3.92 8.61 -5.14
C PRO B 94 3.65 9.11 -3.72
N SER B 95 4.11 10.33 -3.44
CA SER B 95 4.05 10.88 -2.09
C SER B 95 2.63 10.96 -1.56
N ASN B 96 1.65 11.19 -2.44
CA ASN B 96 0.28 11.45 -2.05
C ASN B 96 -0.57 10.20 -2.05
N ILE B 97 0.05 9.01 -2.03
CA ILE B 97 -0.71 7.77 -2.12
C ILE B 97 -1.71 7.64 -0.96
N GLY B 98 -1.37 8.20 0.20
CA GLY B 98 -2.26 8.15 1.35
C GLY B 98 -3.59 8.82 1.11
N GLN B 99 -3.64 9.76 0.17
CA GLN B 99 -4.90 10.41 -0.16
C GLN B 99 -5.87 9.48 -0.88
N ALA B 100 -5.44 8.28 -1.27
CA ALA B 100 -6.37 7.29 -1.80
C ALA B 100 -7.03 6.46 -0.70
N GLN B 101 -6.65 6.67 0.55
CA GLN B 101 -7.39 6.07 1.66
C GLN B 101 -8.68 6.85 1.94
N PRO B 102 -9.74 6.17 2.38
CA PRO B 102 -9.88 4.73 2.65
C PRO B 102 -10.22 3.89 1.41
N ILE B 103 -10.43 4.53 0.27
CA ILE B 103 -10.97 3.81 -0.88
C ILE B 103 -10.03 2.72 -1.36
N ILE B 104 -8.71 2.92 -1.25
CA ILE B 104 -7.77 1.90 -1.68
C ILE B 104 -8.02 0.59 -0.93
N ASP B 105 -8.30 0.67 0.36
CA ASP B 105 -8.54 -0.55 1.13
C ASP B 105 -9.94 -1.10 0.88
N GLN B 106 -10.92 -0.23 0.64
CA GLN B 106 -12.26 -0.73 0.33
C GLN B 106 -12.27 -1.49 -0.99
N LEU B 107 -11.55 -0.95 -1.98
CA LEU B 107 -11.48 -1.64 -3.27
C LEU B 107 -10.85 -3.02 -3.11
N ALA B 108 -9.76 -3.11 -2.35
CA ALA B 108 -9.15 -4.42 -2.13
C ALA B 108 -10.09 -5.36 -1.38
N GLU B 109 -10.85 -4.84 -0.41
CA GLU B 109 -11.79 -5.67 0.31
C GLU B 109 -12.79 -6.29 -0.66
N GLU B 110 -13.33 -5.48 -1.56
CA GLU B 110 -14.28 -6.00 -2.54
C GLU B 110 -13.59 -6.95 -3.51
N ALA B 111 -12.33 -6.69 -3.88
CA ALA B 111 -11.64 -7.57 -4.81
C ALA B 111 -11.39 -8.95 -4.20
N ARG B 112 -11.21 -9.02 -2.88
CA ARG B 112 -10.90 -10.27 -2.20
C ARG B 112 -11.99 -11.31 -2.40
N ALA B 113 -13.20 -10.87 -2.74
CA ALA B 113 -14.33 -11.75 -2.96
C ALA B 113 -14.34 -12.37 -4.34
N PHE B 114 -13.38 -12.05 -5.20
CA PHE B 114 -13.33 -12.60 -6.57
C PHE B 114 -11.95 -13.15 -6.84
N ASN B 115 -11.87 -14.09 -7.79
CA ASN B 115 -10.58 -14.67 -8.19
C ASN B 115 -10.14 -14.07 -9.53
N ARG B 116 -9.80 -12.79 -9.45
CA ARG B 116 -9.61 -11.94 -10.60
C ARG B 116 -8.12 -11.68 -10.81
N ILE B 117 -7.65 -11.78 -12.05
CA ILE B 117 -6.28 -11.43 -12.39
C ILE B 117 -6.26 -10.39 -13.52
N TYR B 118 -5.11 -9.73 -13.64
CA TYR B 118 -4.88 -8.65 -14.59
C TYR B 118 -3.84 -9.12 -15.58
N VAL B 119 -4.08 -8.86 -16.86
CA VAL B 119 -3.14 -9.26 -17.91
C VAL B 119 -2.84 -8.04 -18.77
N ALA B 120 -1.55 -7.74 -18.97
CA ALA B 120 -1.13 -6.62 -19.81
C ALA B 120 -0.23 -7.14 -20.93
N SER B 121 0.13 -6.21 -21.83
CA SER B 121 0.90 -6.51 -23.04
C SER B 121 0.16 -7.51 -23.93
N VAL B 122 -1.15 -7.31 -24.08
CA VAL B 122 -1.98 -8.14 -24.96
C VAL B 122 -1.95 -7.54 -26.37
N HIS B 123 -1.55 -8.35 -27.33
CA HIS B 123 -1.40 -7.89 -28.71
C HIS B 123 -2.72 -7.37 -29.27
N GLN B 124 -2.63 -6.29 -30.07
CA GLN B 124 -3.81 -5.62 -30.61
C GLN B 124 -4.64 -6.51 -31.53
N ASP B 125 -4.03 -7.52 -32.13
CA ASP B 125 -4.76 -8.43 -33.01
C ASP B 125 -5.60 -9.44 -32.26
N LEU B 126 -5.31 -9.67 -30.98
CA LEU B 126 -6.01 -10.70 -30.24
C LEU B 126 -7.32 -10.15 -29.65
N SER B 127 -8.26 -11.06 -29.39
CA SER B 127 -9.51 -10.62 -28.80
C SER B 127 -9.84 -11.50 -27.59
N ASP B 128 -10.99 -11.21 -26.98
CA ASP B 128 -11.26 -11.72 -25.63
C ASP B 128 -11.23 -13.24 -25.58
N ASP B 129 -11.75 -13.91 -26.60
CA ASP B 129 -11.79 -15.36 -26.56
C ASP B 129 -10.43 -16.00 -26.83
N ASP B 130 -9.55 -15.31 -27.58
CA ASP B 130 -8.17 -15.77 -27.68
C ASP B 130 -7.54 -15.86 -26.29
N ILE B 131 -7.67 -14.78 -25.52
CA ILE B 131 -7.07 -14.75 -24.19
C ILE B 131 -7.70 -15.80 -23.30
N LYS B 132 -9.03 -15.93 -23.36
CA LYS B 132 -9.70 -16.91 -22.53
C LYS B 132 -9.20 -18.32 -22.82
N SER B 133 -9.08 -18.65 -24.11
CA SER B 133 -8.66 -19.99 -24.50
C SER B 133 -7.28 -20.33 -23.94
N VAL B 134 -6.36 -19.36 -23.92
CA VAL B 134 -5.04 -19.60 -23.37
C VAL B 134 -5.11 -19.78 -21.86
N PHE B 135 -5.85 -18.90 -21.19
CA PHE B 135 -5.82 -18.86 -19.74
C PHE B 135 -6.72 -19.91 -19.10
N GLU B 136 -7.64 -20.51 -19.85
CA GLU B 136 -8.42 -21.53 -19.18
C GLU B 136 -7.65 -22.84 -19.01
N ALA B 137 -6.39 -22.91 -19.48
CA ALA B 137 -5.52 -23.99 -19.05
C ALA B 137 -5.49 -24.15 -17.54
N PHE B 138 -5.64 -23.05 -16.80
CA PHE B 138 -5.42 -23.10 -15.36
C PHE B 138 -6.68 -23.35 -14.54
N GLY B 139 -7.86 -23.34 -15.16
CA GLY B 139 -9.09 -23.55 -14.44
C GLY B 139 -10.23 -22.90 -15.18
N LYS B 140 -11.45 -23.13 -14.66
CA LYS B 140 -12.63 -22.60 -15.32
C LYS B 140 -12.70 -21.08 -15.18
N ILE B 141 -13.03 -20.40 -16.28
CA ILE B 141 -13.03 -18.95 -16.34
C ILE B 141 -14.46 -18.44 -16.33
N LYS B 142 -14.79 -17.55 -15.39
CA LYS B 142 -16.12 -16.92 -15.36
C LYS B 142 -16.23 -15.75 -16.33
N SER B 143 -15.14 -15.00 -16.52
CA SER B 143 -15.13 -13.91 -17.50
C SER B 143 -13.69 -13.56 -17.85
N CYS B 144 -13.53 -13.01 -19.06
CA CYS B 144 -12.22 -12.67 -19.59
C CYS B 144 -12.46 -11.52 -20.56
N THR B 145 -12.15 -10.31 -20.11
CA THR B 145 -12.57 -9.10 -20.82
C THR B 145 -11.39 -8.17 -21.04
N LEU B 146 -11.15 -7.80 -22.29
CA LEU B 146 -10.17 -6.79 -22.64
C LEU B 146 -10.79 -5.41 -22.53
N ALA B 147 -10.04 -4.46 -22.00
CA ALA B 147 -10.53 -3.10 -21.90
C ALA B 147 -10.52 -2.46 -23.28
N ARG B 148 -11.59 -1.75 -23.61
CA ARG B 148 -11.80 -1.24 -24.96
C ARG B 148 -12.12 0.25 -24.94
N ASP B 149 -11.61 0.98 -25.92
CA ASP B 149 -12.02 2.38 -26.07
C ASP B 149 -13.48 2.44 -26.50
N PRO B 150 -14.34 3.14 -25.76
CA PRO B 150 -15.76 3.19 -26.14
C PRO B 150 -16.01 3.82 -27.51
N THR B 151 -15.19 4.80 -27.92
CA THR B 151 -15.45 5.54 -29.15
C THR B 151 -14.94 4.82 -30.38
N THR B 152 -13.93 3.96 -30.24
CA THR B 152 -13.39 3.20 -31.36
C THR B 152 -13.58 1.69 -31.26
N GLY B 153 -13.85 1.16 -30.07
CA GLY B 153 -14.07 -0.27 -29.90
C GLY B 153 -12.83 -1.13 -29.94
N LYS B 154 -11.65 -0.55 -30.17
CA LYS B 154 -10.43 -1.34 -30.17
C LYS B 154 -9.94 -1.53 -28.74
N HIS B 155 -9.34 -2.69 -28.47
CA HIS B 155 -8.97 -2.94 -27.09
C HIS B 155 -7.63 -2.26 -26.80
N LYS B 156 -7.35 -2.06 -25.51
CA LYS B 156 -6.27 -1.21 -25.06
C LYS B 156 -5.04 -1.99 -24.61
N GLY B 157 -4.95 -3.27 -24.96
CA GLY B 157 -3.77 -4.04 -24.67
C GLY B 157 -3.72 -4.68 -23.29
N TYR B 158 -4.83 -4.68 -22.56
CA TYR B 158 -4.85 -5.27 -21.24
C TYR B 158 -6.27 -5.71 -20.93
N GLY B 159 -6.39 -6.54 -19.90
CA GLY B 159 -7.70 -6.95 -19.48
C GLY B 159 -7.66 -7.68 -18.16
N PHE B 160 -8.82 -8.20 -17.78
CA PHE B 160 -8.99 -8.90 -16.53
C PHE B 160 -9.67 -10.24 -16.77
N ILE B 161 -9.28 -11.22 -15.98
CA ILE B 161 -9.79 -12.57 -16.05
C ILE B 161 -10.27 -12.97 -14.67
N GLU B 162 -11.51 -13.43 -14.60
CA GLU B 162 -12.06 -13.94 -13.35
C GLU B 162 -12.19 -15.45 -13.42
N TYR B 163 -11.59 -16.14 -12.44
CA TYR B 163 -11.64 -17.59 -12.37
C TYR B 163 -12.69 -18.04 -11.35
N GLU B 164 -13.23 -19.25 -11.57
CA GLU B 164 -14.18 -19.80 -10.61
C GLU B 164 -13.51 -20.14 -9.29
N LYS B 165 -12.26 -20.59 -9.32
CA LYS B 165 -11.61 -21.05 -8.11
C LYS B 165 -10.34 -20.26 -7.84
N ALA B 166 -10.07 -20.03 -6.54
CA ALA B 166 -8.88 -19.28 -6.16
C ALA B 166 -7.60 -19.97 -6.62
N GLN B 167 -7.58 -21.30 -6.59
CA GLN B 167 -6.37 -22.01 -6.99
C GLN B 167 -6.00 -21.70 -8.45
N SER B 168 -7.01 -21.50 -9.30
CA SER B 168 -6.74 -21.29 -10.71
C SER B 168 -6.11 -19.93 -10.97
N SER B 169 -6.63 -18.89 -10.31
CA SER B 169 -6.10 -17.54 -10.52
C SER B 169 -4.69 -17.43 -9.96
N GLN B 170 -4.43 -18.10 -8.84
CA GLN B 170 -3.08 -18.14 -8.29
C GLN B 170 -2.12 -18.86 -9.23
N ASP B 171 -2.52 -20.02 -9.77
CA ASP B 171 -1.64 -20.72 -10.69
C ASP B 171 -1.38 -19.90 -11.94
N ALA B 172 -2.40 -19.18 -12.43
CA ALA B 172 -2.21 -18.34 -13.60
C ALA B 172 -1.17 -17.25 -13.33
N VAL B 173 -1.33 -16.55 -12.20
CA VAL B 173 -0.40 -15.47 -11.86
C VAL B 173 1.01 -16.01 -11.71
N SER B 174 1.15 -17.14 -11.04
CA SER B 174 2.48 -17.67 -10.77
C SER B 174 3.11 -18.31 -12.00
N SER B 175 2.34 -18.57 -13.05
CA SER B 175 2.81 -19.28 -14.23
C SER B 175 2.99 -18.42 -15.46
N MET B 176 2.15 -17.41 -15.68
CA MET B 176 2.02 -16.86 -17.02
C MET B 176 2.83 -15.59 -17.29
N ASN B 177 3.55 -15.05 -16.31
CA ASN B 177 4.37 -13.87 -16.60
C ASN B 177 5.41 -14.20 -17.66
N LEU B 178 5.49 -13.33 -18.68
CA LEU B 178 6.40 -13.43 -19.83
C LEU B 178 6.00 -14.52 -20.81
N PHE B 179 4.78 -15.04 -20.69
CA PHE B 179 4.24 -15.92 -21.72
C PHE B 179 4.24 -15.19 -23.06
N ASP B 180 4.74 -15.86 -24.10
CA ASP B 180 4.86 -15.28 -25.42
C ASP B 180 3.53 -15.41 -26.14
N LEU B 181 2.87 -14.29 -26.38
CA LEU B 181 1.60 -14.31 -27.06
C LEU B 181 1.64 -13.25 -28.15
N GLY B 182 1.74 -13.70 -29.40
CA GLY B 182 1.75 -12.80 -30.54
C GLY B 182 3.01 -11.96 -30.65
N GLY B 183 4.14 -12.46 -30.18
CA GLY B 183 5.37 -11.70 -30.21
C GLY B 183 5.55 -10.74 -29.05
N GLN B 184 4.59 -10.69 -28.13
CA GLN B 184 4.72 -9.92 -26.90
C GLN B 184 4.73 -10.85 -25.70
N TYR B 185 5.35 -10.38 -24.63
CA TYR B 185 5.49 -11.15 -23.40
C TYR B 185 4.50 -10.60 -22.38
N LEU B 186 3.50 -11.42 -22.05
CA LEU B 186 2.45 -11.01 -21.12
C LEU B 186 3.03 -10.66 -19.76
N ARG B 187 2.39 -9.69 -19.11
CA ARG B 187 2.61 -9.39 -17.71
C ARG B 187 1.31 -9.68 -16.98
N VAL B 188 1.39 -10.43 -15.89
CA VAL B 188 0.21 -10.94 -15.22
CA VAL B 188 0.20 -10.92 -15.21
C VAL B 188 0.36 -10.69 -13.72
N GLY B 189 -0.72 -10.22 -13.09
CA GLY B 189 -0.72 -9.96 -11.67
C GLY B 189 -2.12 -10.10 -11.12
N LYS B 190 -2.20 -9.99 -9.79
CA LYS B 190 -3.47 -10.05 -9.10
C LYS B 190 -4.25 -8.76 -9.31
N ALA B 191 -5.56 -8.86 -9.39
CA ALA B 191 -6.38 -7.66 -9.44
C ALA B 191 -6.47 -7.05 -8.04
N VAL B 192 -6.59 -5.73 -7.96
CA VAL B 192 -6.74 -5.07 -6.66
C VAL B 192 -8.05 -4.33 -6.57
N THR B 193 -8.92 -4.49 -7.56
CA THR B 193 -10.24 -3.87 -7.68
C THR B 193 -11.25 -4.95 -8.00
N PRO B 194 -12.51 -4.81 -7.55
CA PRO B 194 -13.54 -5.76 -7.96
C PRO B 194 -13.93 -5.51 -9.40
N PRO B 195 -14.59 -6.47 -10.06
CA PRO B 195 -15.12 -6.17 -11.40
C PRO B 195 -16.11 -5.03 -11.34
N MET B 196 -16.97 -5.08 -10.32
CA MET B 196 -18.04 -4.12 -10.09
C MET B 196 -18.07 -3.79 -8.61
N PRO B 197 -17.84 -2.55 -8.22
CA PRO B 197 -17.94 -2.18 -6.80
C PRO B 197 -19.35 -2.33 -6.29
N LEU B 198 -19.49 -2.28 -4.96
CA LEU B 198 -20.80 -2.31 -4.29
C LEU B 198 -21.44 -0.92 -4.32
#